data_3TNY
#
_entry.id   3TNY
#
_cell.length_a   57.796
_cell.length_b   47.328
_cell.length_c   64.981
_cell.angle_alpha   90.000
_cell.angle_beta   112.880
_cell.angle_gamma   90.000
#
_symmetry.space_group_name_H-M   'P 1 21 1'
#
loop_
_entity.id
_entity.type
_entity.pdbx_description
1 polymer 'YfiY (ABC transport system substrate-binding protein)'
2 non-polymer '[2-(hydroxy-kappaO)-4-[(3-{(hydroxy-kappaO)[1-(hydroxy-kappaO)ethenyl]amino}propyl)amino]-2-{2-[(3-{(hydroxy-kappaO)[1- (hydroxy-kappaO)ethenyl]amino}propyl)amino]-2-oxoethyl}-4-oxobutanoato(6-)-kappaO]iron'
3 water water
#
_entity_poly.entity_id   1
_entity_poly.type   'polypeptide(L)'
_entity_poly.pdbx_seq_one_letter_code
;MKSNNKEESTKEDNKKEVVTVEHAMGKTEVPANPKRVVILTNEGTEALLELGVKPVGAVKSWTGDPWYPHIKDKMKDVKV
VGDEGQVNVETIASLKPDLIIGNKMRHEKVYEQLKAIAPTVFSETLRGEWKDNFKFYAKALNKEKEGQKVVADYESRMKD
LKGKLGDKVNQEISMVRFMPGDVRIYHGDTFSGVILKELGFKRPGDQNKDDFAERNVSKERISAMDGDVLFYFTFDKGNE
KKGSELEKEYINDPLFKNLNAVKNGKAYKVDDVIWNTAGGVIAANLLLDDIEKRFVKHHHHHH
;
_entity_poly.pdbx_strand_id   A
#
loop_
_chem_comp.id
_chem_comp.type
_chem_comp.name
_chem_comp.formula
SKZ non-polymer '[2-(hydroxy-kappaO)-4-[(3-{(hydroxy-kappaO)[1-(hydroxy-kappaO)ethenyl]amino}propyl)amino]-2-{2-[(3-{(hydroxy-kappaO)[1- (hydroxy-kappaO)ethenyl]amino}propyl)amino]-2-oxoethyl}-4-oxobutanoato(6-)-kappaO]iron' 'C16 H22 Fe N4 O9'
#
# COMPACT_ATOMS: atom_id res chain seq x y z
N GLU A 17 24.25 -1.65 -21.79
CA GLU A 17 23.08 -0.87 -22.27
C GLU A 17 21.78 -1.42 -21.69
N VAL A 18 21.53 -2.74 -21.80
CA VAL A 18 20.26 -3.32 -21.33
C VAL A 18 20.36 -4.59 -20.48
N VAL A 19 19.25 -4.88 -19.81
CA VAL A 19 19.08 -6.08 -19.00
CA VAL A 19 19.09 -6.11 -19.03
C VAL A 19 17.68 -6.62 -19.28
N THR A 20 17.51 -7.94 -19.23
CA THR A 20 16.20 -8.54 -19.47
C THR A 20 15.47 -8.77 -18.16
N VAL A 21 14.22 -8.31 -18.09
CA VAL A 21 13.40 -8.40 -16.91
C VAL A 21 12.12 -9.19 -17.19
N GLU A 22 11.94 -10.29 -16.46
CA GLU A 22 10.68 -11.04 -16.51
C GLU A 22 9.68 -10.37 -15.58
N HIS A 23 8.46 -10.17 -16.07
CA HIS A 23 7.45 -9.43 -15.33
C HIS A 23 6.04 -9.94 -15.66
N ALA A 24 5.02 -9.26 -15.12
CA ALA A 24 3.64 -9.76 -15.20
C ALA A 24 3.06 -9.78 -16.62
N MET A 25 3.62 -8.99 -17.53
CA MET A 25 3.12 -8.89 -18.90
C MET A 25 4.14 -9.36 -19.94
N GLY A 26 5.14 -10.13 -19.50
CA GLY A 26 6.08 -10.77 -20.41
C GLY A 26 7.54 -10.64 -20.00
N LYS A 27 8.40 -10.55 -21.01
CA LYS A 27 9.84 -10.45 -20.84
C LYS A 27 10.31 -9.27 -21.67
N THR A 28 11.01 -8.33 -21.04
CA THR A 28 11.32 -7.04 -21.64
CA THR A 28 11.31 -7.03 -21.62
C THR A 28 12.74 -6.59 -21.34
N GLU A 29 13.40 -6.02 -22.36
CA GLU A 29 14.73 -5.43 -22.20
C GLU A 29 14.55 -4.01 -21.68
N VAL A 30 15.22 -3.73 -20.56
CA VAL A 30 15.14 -2.44 -19.88
CA VAL A 30 15.15 -2.40 -19.93
C VAL A 30 16.56 -1.85 -19.80
N PRO A 31 16.69 -0.53 -19.63
CA PRO A 31 18.04 0.00 -19.48
C PRO A 31 18.76 -0.59 -18.27
N ALA A 32 20.06 -0.82 -18.39
CA ALA A 32 20.87 -1.24 -17.25
C ALA A 32 20.97 -0.12 -16.22
N ASN A 33 20.82 1.12 -16.67
CA ASN A 33 20.92 2.30 -15.81
C ASN A 33 19.82 3.31 -16.18
N PRO A 34 18.59 3.08 -15.73
CA PRO A 34 17.49 3.96 -16.16
C PRO A 34 17.60 5.38 -15.59
N LYS A 35 17.39 6.37 -16.45
CA LYS A 35 17.59 7.79 -16.15
C LYS A 35 16.30 8.58 -16.00
N ARG A 36 15.25 8.14 -16.69
CA ARG A 36 13.98 8.85 -16.72
C ARG A 36 12.85 7.84 -16.52
N VAL A 37 12.52 7.58 -15.27
CA VAL A 37 11.55 6.53 -14.94
C VAL A 37 10.19 7.14 -14.61
N VAL A 38 9.14 6.51 -15.13
CA VAL A 38 7.77 6.86 -14.78
C VAL A 38 7.18 5.70 -13.98
N ILE A 39 6.54 6.03 -12.86
CA ILE A 39 6.05 5.01 -11.92
C ILE A 39 4.55 5.21 -11.70
N LEU A 40 3.78 4.13 -11.85
CA LEU A 40 2.33 4.22 -11.94
C LEU A 40 1.54 3.70 -10.74
N THR A 41 2.24 3.33 -9.66
CA THR A 41 1.55 3.05 -8.39
C THR A 41 2.14 3.86 -7.25
N ASN A 42 1.33 4.10 -6.23
CA ASN A 42 1.78 4.79 -5.03
C ASN A 42 2.85 3.97 -4.31
N GLU A 43 2.61 2.67 -4.19
CA GLU A 43 3.58 1.79 -3.51
C GLU A 43 4.91 1.72 -4.26
N GLY A 44 4.86 1.70 -5.58
CA GLY A 44 6.07 1.70 -6.40
C GLY A 44 6.85 2.99 -6.32
N THR A 45 6.14 4.11 -6.13
CA THR A 45 6.78 5.40 -6.00
C THR A 45 7.72 5.37 -4.78
N GLU A 46 7.24 4.80 -3.69
CA GLU A 46 8.04 4.67 -2.48
C GLU A 46 9.26 3.78 -2.70
N ALA A 47 9.11 2.70 -3.47
CA ALA A 47 10.22 1.82 -3.80
C ALA A 47 11.32 2.58 -4.51
N LEU A 48 10.95 3.35 -5.54
CA LEU A 48 11.93 4.14 -6.29
C LEU A 48 12.69 5.09 -5.39
N LEU A 49 11.95 5.82 -4.55
CA LEU A 49 12.58 6.81 -3.67
C LEU A 49 13.60 6.14 -2.76
N GLU A 50 13.23 4.98 -2.21
CA GLU A 50 14.14 4.26 -1.31
C GLU A 50 15.32 3.63 -2.03
N LEU A 51 15.16 3.36 -3.32
CA LEU A 51 16.23 2.84 -4.16
C LEU A 51 17.09 3.94 -4.80
N GLY A 52 16.85 5.20 -4.43
CA GLY A 52 17.66 6.32 -4.90
C GLY A 52 17.37 6.72 -6.34
N VAL A 53 16.14 6.47 -6.77
CA VAL A 53 15.69 6.89 -8.09
C VAL A 53 14.55 7.88 -7.88
N LYS A 54 14.73 9.09 -8.40
CA LYS A 54 13.64 10.06 -8.40
C LYS A 54 12.95 9.96 -9.76
N PRO A 55 11.64 9.62 -9.77
CA PRO A 55 10.97 9.48 -11.05
C PRO A 55 10.79 10.83 -11.74
N VAL A 56 10.75 10.84 -13.06
CA VAL A 56 10.41 12.05 -13.79
C VAL A 56 8.90 12.28 -13.81
N GLY A 57 8.14 11.19 -13.68
CA GLY A 57 6.69 11.25 -13.59
C GLY A 57 6.16 10.18 -12.67
N ALA A 58 5.06 10.49 -11.99
CA ALA A 58 4.41 9.55 -11.09
C ALA A 58 2.92 9.83 -11.01
N VAL A 59 2.13 8.79 -10.76
CA VAL A 59 0.71 8.99 -10.48
C VAL A 59 0.58 9.70 -9.15
N LYS A 60 -0.44 10.55 -9.02
CA LYS A 60 -0.64 11.26 -7.78
C LYS A 60 -0.95 10.27 -6.67
N SER A 61 -0.66 10.68 -5.43
CA SER A 61 -1.08 9.93 -4.26
C SER A 61 -2.59 9.91 -4.20
N TRP A 62 -3.17 8.79 -3.78
CA TRP A 62 -4.63 8.63 -3.72
C TRP A 62 -5.32 9.79 -3.00
N THR A 63 -4.73 10.24 -1.89
CA THR A 63 -5.34 11.29 -1.07
C THR A 63 -4.39 12.43 -0.75
N GLY A 64 -3.55 12.80 -1.72
CA GLY A 64 -2.65 13.94 -1.60
C GLY A 64 -3.00 15.01 -2.60
N ASP A 65 -2.33 16.17 -2.49
CA ASP A 65 -2.59 17.31 -3.39
C ASP A 65 -1.29 17.90 -3.93
N PRO A 66 -0.55 17.12 -4.75
CA PRO A 66 -0.85 15.77 -5.21
C PRO A 66 -0.21 14.64 -4.41
N TRP A 67 0.69 14.95 -3.48
CA TRP A 67 1.51 13.91 -2.82
C TRP A 67 1.12 13.72 -1.36
N TYR A 68 1.25 12.49 -0.88
CA TYR A 68 1.11 12.22 0.55
C TYR A 68 2.15 13.06 1.29
N PRO A 69 1.81 13.54 2.50
CA PRO A 69 2.82 14.26 3.27
C PRO A 69 4.16 13.53 3.43
N HIS A 70 4.13 12.21 3.61
CA HIS A 70 5.37 11.48 3.88
C HIS A 70 6.32 11.36 2.67
N ILE A 71 5.86 11.68 1.47
CA ILE A 71 6.76 11.76 0.31
C ILE A 71 6.83 13.14 -0.37
N LYS A 72 6.07 14.11 0.12
CA LYS A 72 5.93 15.39 -0.59
C LYS A 72 7.26 16.04 -0.92
N ASP A 73 8.12 16.20 0.08
CA ASP A 73 9.42 16.86 -0.12
C ASP A 73 10.30 16.12 -1.14
N LYS A 74 10.25 14.79 -1.12
CA LYS A 74 11.04 13.98 -2.04
C LYS A 74 10.52 14.01 -3.49
N MET A 75 9.30 14.47 -3.68
CA MET A 75 8.66 14.49 -5.00
C MET A 75 8.64 15.87 -5.64
N LYS A 76 9.47 16.79 -5.14
CA LYS A 76 9.53 18.15 -5.70
C LYS A 76 9.79 18.11 -7.20
N ASP A 77 8.90 18.77 -7.94
CA ASP A 77 9.00 18.91 -9.40
C ASP A 77 8.78 17.63 -10.21
N VAL A 78 8.36 16.54 -9.55
CA VAL A 78 7.93 15.35 -10.26
C VAL A 78 6.61 15.66 -10.97
N LYS A 79 6.52 15.27 -12.23
CA LYS A 79 5.30 15.49 -13.02
C LYS A 79 4.22 14.48 -12.65
N VAL A 80 3.01 14.96 -12.39
CA VAL A 80 1.87 14.09 -12.12
C VAL A 80 1.36 13.52 -13.45
N VAL A 81 1.27 12.20 -13.55
CA VAL A 81 0.82 11.56 -14.79
C VAL A 81 -0.52 10.87 -14.62
N GLY A 82 -1.42 11.51 -13.87
CA GLY A 82 -2.76 10.98 -13.62
C GLY A 82 -2.84 10.38 -12.24
N ASP A 83 -3.78 9.48 -12.04
CA ASP A 83 -3.86 8.74 -10.78
C ASP A 83 -3.67 7.25 -11.04
N GLU A 84 -3.50 6.49 -9.97
CA GLU A 84 -3.11 5.09 -10.10
C GLU A 84 -4.11 4.27 -10.92
N GLY A 85 -5.39 4.63 -10.83
CA GLY A 85 -6.45 3.92 -11.55
C GLY A 85 -6.68 4.41 -12.97
N GLN A 86 -6.27 5.64 -13.26
CA GLN A 86 -6.44 6.24 -14.58
C GLN A 86 -5.23 7.09 -14.96
N VAL A 87 -4.27 6.47 -15.63
CA VAL A 87 -3.02 7.13 -16.00
CA VAL A 87 -3.02 7.15 -15.98
C VAL A 87 -3.20 7.96 -17.27
N ASN A 88 -2.47 9.06 -17.36
CA ASN A 88 -2.52 9.94 -18.53
C ASN A 88 -1.36 9.59 -19.47
N VAL A 89 -1.67 8.79 -20.49
CA VAL A 89 -0.65 8.29 -21.40
C VAL A 89 0.03 9.41 -22.19
N GLU A 90 -0.74 10.45 -22.55
CA GLU A 90 -0.17 11.60 -23.25
C GLU A 90 0.90 12.33 -22.43
N THR A 91 0.62 12.52 -21.15
CA THR A 91 1.60 13.15 -20.26
C THR A 91 2.84 12.28 -20.14
N ILE A 92 2.65 10.97 -20.03
CA ILE A 92 3.77 10.03 -19.93
C ILE A 92 4.65 10.11 -21.17
N ALA A 93 4.03 10.10 -22.35
CA ALA A 93 4.76 10.21 -23.61
C ALA A 93 5.59 11.50 -23.66
N SER A 94 5.03 12.60 -23.15
CA SER A 94 5.70 13.90 -23.15
C SER A 94 6.96 13.93 -22.30
N LEU A 95 7.04 13.05 -21.31
CA LEU A 95 8.21 12.99 -20.43
C LEU A 95 9.39 12.22 -21.03
N LYS A 96 9.16 11.56 -22.16
CA LYS A 96 10.21 10.77 -22.83
C LYS A 96 10.94 9.87 -21.84
N PRO A 97 10.20 8.98 -21.16
CA PRO A 97 10.85 8.09 -20.22
C PRO A 97 11.68 7.02 -20.91
N ASP A 98 12.67 6.48 -20.22
CA ASP A 98 13.37 5.30 -20.73
C ASP A 98 12.90 4.01 -20.05
N LEU A 99 12.01 4.14 -19.05
CA LEU A 99 11.42 3.00 -18.37
C LEU A 99 10.10 3.41 -17.73
N ILE A 100 9.08 2.58 -17.93
CA ILE A 100 7.78 2.77 -17.27
C ILE A 100 7.50 1.54 -16.41
N ILE A 101 7.10 1.78 -15.17
CA ILE A 101 6.80 0.69 -14.23
C ILE A 101 5.36 0.83 -13.79
N GLY A 102 4.59 -0.24 -13.95
CA GLY A 102 3.20 -0.27 -13.54
C GLY A 102 2.81 -1.59 -12.92
N ASN A 103 1.52 -1.86 -12.90
CA ASN A 103 0.95 -2.98 -12.17
C ASN A 103 -0.18 -3.59 -13.00
N LYS A 104 -0.16 -4.90 -13.18
CA LYS A 104 -1.13 -5.56 -14.05
C LYS A 104 -2.57 -5.39 -13.54
N MET A 105 -2.77 -5.53 -12.24
CA MET A 105 -4.11 -5.37 -11.70
C MET A 105 -4.71 -3.99 -12.01
N ARG A 106 -3.88 -2.94 -11.94
CA ARG A 106 -4.33 -1.58 -12.19
C ARG A 106 -4.32 -1.18 -13.67
N HIS A 107 -3.35 -1.69 -14.42
CA HIS A 107 -2.97 -1.09 -15.70
C HIS A 107 -2.93 -2.02 -16.91
N GLU A 108 -3.42 -3.23 -16.78
CA GLU A 108 -3.34 -4.20 -17.88
C GLU A 108 -3.82 -3.61 -19.21
N LYS A 109 -4.94 -2.88 -19.16
CA LYS A 109 -5.58 -2.36 -20.38
C LYS A 109 -4.72 -1.35 -21.14
N VAL A 110 -3.84 -0.63 -20.45
CA VAL A 110 -2.96 0.35 -21.10
C VAL A 110 -1.54 -0.14 -21.35
N TYR A 111 -1.26 -1.42 -21.08
CA TYR A 111 0.11 -1.93 -21.24
C TYR A 111 0.69 -1.68 -22.63
N GLU A 112 -0.08 -2.01 -23.67
CA GLU A 112 0.41 -1.83 -25.04
C GLU A 112 0.66 -0.36 -25.39
N GLN A 113 -0.17 0.54 -24.87
CA GLN A 113 0.05 1.98 -25.07
C GLN A 113 1.34 2.45 -24.38
N LEU A 114 1.62 1.91 -23.20
CA LEU A 114 2.83 2.26 -22.48
C LEU A 114 4.06 1.70 -23.19
N LYS A 115 3.99 0.44 -23.62
CA LYS A 115 5.07 -0.20 -24.35
C LYS A 115 5.46 0.57 -25.62
N ALA A 116 4.48 1.21 -26.24
CA ALA A 116 4.74 2.04 -27.42
C ALA A 116 5.59 3.27 -27.11
N ILE A 117 5.59 3.71 -25.84
CA ILE A 117 6.35 4.88 -25.42
C ILE A 117 7.77 4.50 -24.98
N ALA A 118 7.87 3.46 -24.17
CA ALA A 118 9.14 3.03 -23.60
C ALA A 118 9.05 1.61 -23.06
N PRO A 119 10.20 0.96 -22.81
CA PRO A 119 10.20 -0.32 -22.11
C PRO A 119 9.35 -0.25 -20.85
N THR A 120 8.41 -1.17 -20.71
CA THR A 120 7.43 -1.15 -19.64
C THR A 120 7.40 -2.50 -18.93
N VAL A 121 7.48 -2.48 -17.60
CA VAL A 121 7.44 -3.70 -16.79
C VAL A 121 6.39 -3.54 -15.70
N PHE A 122 5.65 -4.63 -15.46
CA PHE A 122 4.53 -4.64 -14.51
C PHE A 122 4.74 -5.61 -13.37
N SER A 123 4.42 -5.18 -12.15
CA SER A 123 4.18 -6.12 -11.05
C SER A 123 2.79 -6.72 -11.29
N GLU A 124 2.44 -7.74 -10.52
CA GLU A 124 1.21 -8.50 -10.76
C GLU A 124 0.00 -7.84 -10.08
N THR A 125 0.09 -7.67 -8.77
CA THR A 125 -1.05 -7.16 -8.01
C THR A 125 -0.57 -6.37 -6.79
N LEU A 126 -1.52 -5.94 -5.96
CA LEU A 126 -1.21 -5.22 -4.74
C LEU A 126 -1.48 -6.15 -3.56
N ARG A 127 -2.68 -6.09 -2.98
CA ARG A 127 -3.07 -7.03 -1.93
C ARG A 127 -1.99 -7.07 -0.84
N GLY A 128 -1.47 -8.25 -0.49
CA GLY A 128 -0.42 -8.37 0.53
C GLY A 128 0.99 -8.46 -0.02
N GLU A 129 1.21 -8.03 -1.26
CA GLU A 129 2.46 -8.30 -1.96
C GLU A 129 3.49 -7.17 -1.93
N TRP A 130 3.35 -6.20 -1.02
CA TRP A 130 4.26 -5.05 -1.05
C TRP A 130 5.75 -5.40 -1.05
N LYS A 131 6.14 -6.42 -0.29
CA LYS A 131 7.58 -6.70 -0.13
C LYS A 131 8.14 -7.36 -1.40
N ASP A 132 7.40 -8.32 -1.95
CA ASP A 132 7.79 -8.91 -3.23
C ASP A 132 7.74 -7.87 -4.36
N ASN A 133 6.76 -6.99 -4.34
CA ASN A 133 6.71 -5.91 -5.32
C ASN A 133 7.93 -5.01 -5.21
N PHE A 134 8.30 -4.65 -3.98
CA PHE A 134 9.50 -3.85 -3.78
C PHE A 134 10.74 -4.53 -4.38
N LYS A 135 10.91 -5.83 -4.10
CA LYS A 135 12.06 -6.58 -4.62
C LYS A 135 12.02 -6.63 -6.15
N PHE A 136 10.83 -6.74 -6.73
CA PHE A 136 10.68 -6.70 -8.18
C PHE A 136 11.09 -5.34 -8.76
N TYR A 137 10.66 -4.25 -8.14
CA TYR A 137 11.05 -2.92 -8.62
C TYR A 137 12.56 -2.72 -8.53
N ALA A 138 13.19 -3.25 -7.49
CA ALA A 138 14.64 -3.20 -7.36
C ALA A 138 15.30 -3.93 -8.53
N LYS A 139 14.77 -5.09 -8.90
CA LYS A 139 15.27 -5.84 -10.06
C LYS A 139 15.07 -5.06 -11.36
N ALA A 140 13.89 -4.48 -11.54
CA ALA A 140 13.56 -3.70 -12.73
C ALA A 140 14.49 -2.52 -12.92
N LEU A 141 14.91 -1.91 -11.82
CA LEU A 141 15.80 -0.75 -11.84
C LEU A 141 17.29 -1.14 -11.84
N ASN A 142 17.57 -2.44 -11.81
CA ASN A 142 18.93 -2.94 -11.69
C ASN A 142 19.61 -2.45 -10.40
N LYS A 143 18.85 -2.46 -9.32
CA LYS A 143 19.34 -2.06 -8.00
C LYS A 143 19.01 -3.11 -6.94
N GLU A 144 19.28 -4.36 -7.28
CA GLU A 144 19.03 -5.51 -6.39
CA GLU A 144 19.01 -5.50 -6.43
C GLU A 144 19.79 -5.38 -5.09
N LYS A 145 21.07 -5.06 -5.18
CA LYS A 145 21.92 -4.92 -3.99
C LYS A 145 21.38 -3.85 -3.06
N GLU A 146 21.01 -2.70 -3.63
CA GLU A 146 20.42 -1.61 -2.87
C GLU A 146 19.10 -2.05 -2.22
N GLY A 147 18.29 -2.81 -2.96
CA GLY A 147 17.02 -3.32 -2.45
C GLY A 147 17.20 -4.29 -1.30
N GLN A 148 18.24 -5.11 -1.36
CA GLN A 148 18.54 -6.03 -0.27
C GLN A 148 18.79 -5.29 1.04
N LYS A 149 19.48 -4.15 0.96
CA LYS A 149 19.75 -3.32 2.11
C LYS A 149 18.47 -2.69 2.68
N VAL A 150 17.60 -2.20 1.80
CA VAL A 150 16.33 -1.61 2.23
C VAL A 150 15.47 -2.65 2.94
N VAL A 151 15.41 -3.86 2.39
CA VAL A 151 14.63 -4.94 2.99
C VAL A 151 15.23 -5.37 4.33
N ALA A 152 16.56 -5.51 4.37
CA ALA A 152 17.26 -5.88 5.60
C ALA A 152 17.00 -4.85 6.70
N ASP A 153 17.02 -3.58 6.34
CA ASP A 153 16.77 -2.50 7.31
C ASP A 153 15.33 -2.55 7.84
N TYR A 154 14.37 -2.76 6.96
CA TYR A 154 12.98 -2.90 7.38
C TYR A 154 12.82 -4.09 8.35
N GLU A 155 13.41 -5.22 7.98
CA GLU A 155 13.27 -6.43 8.80
C GLU A 155 13.95 -6.29 10.16
N SER A 156 15.01 -5.50 10.22
CA SER A 156 15.68 -5.20 11.49
C SER A 156 14.79 -4.34 12.39
N ARG A 157 14.15 -3.32 11.80
CA ARG A 157 13.22 -2.47 12.55
C ARG A 157 12.01 -3.27 13.01
N MET A 158 11.59 -4.21 12.17
CA MET A 158 10.49 -5.10 12.49
C MET A 158 10.87 -5.98 13.69
N LYS A 159 12.08 -6.53 13.68
CA LYS A 159 12.58 -7.33 14.80
C LYS A 159 12.69 -6.49 16.08
N ASP A 160 13.16 -5.25 15.95
CA ASP A 160 13.23 -4.34 17.10
C ASP A 160 11.85 -4.22 17.75
N LEU A 161 10.84 -4.00 16.92
CA LEU A 161 9.48 -3.82 17.41
C LEU A 161 8.94 -5.10 18.05
N LYS A 162 9.19 -6.26 17.43
CA LYS A 162 8.74 -7.52 18.01
C LYS A 162 9.23 -7.65 19.45
N GLY A 163 10.48 -7.28 19.68
CA GLY A 163 11.06 -7.33 21.02
C GLY A 163 10.36 -6.41 22.01
N LYS A 164 10.08 -5.18 21.57
CA LYS A 164 9.42 -4.20 22.41
C LYS A 164 7.97 -4.59 22.72
N LEU A 165 7.30 -5.25 21.78
CA LEU A 165 5.91 -5.66 21.98
C LEU A 165 5.78 -6.81 22.95
N GLY A 166 6.74 -7.73 22.93
CA GLY A 166 6.65 -8.94 23.75
C GLY A 166 5.33 -9.66 23.51
N ASP A 167 4.66 -10.06 24.57
CA ASP A 167 3.43 -10.86 24.42
C ASP A 167 2.18 -10.04 24.06
N LYS A 168 2.33 -8.73 23.85
CA LYS A 168 1.22 -7.91 23.36
C LYS A 168 0.75 -8.39 21.98
N VAL A 169 1.61 -9.09 21.25
CA VAL A 169 1.22 -9.67 19.96
C VAL A 169 0.19 -10.81 20.09
N ASN A 170 -0.03 -11.33 21.29
CA ASN A 170 -1.03 -12.38 21.46
C ASN A 170 -2.47 -11.85 21.40
N GLN A 171 -2.64 -10.53 21.33
CA GLN A 171 -3.95 -9.92 21.14
C GLN A 171 -4.45 -10.14 19.71
N GLU A 172 -5.76 -10.36 19.59
CA GLU A 172 -6.43 -10.45 18.30
C GLU A 172 -6.78 -9.04 17.81
N ILE A 173 -6.15 -8.64 16.71
CA ILE A 173 -6.34 -7.31 16.14
C ILE A 173 -7.39 -7.37 15.05
N SER A 174 -8.37 -6.48 15.12
CA SER A 174 -9.40 -6.38 14.09
C SER A 174 -9.17 -5.13 13.25
N MET A 175 -9.24 -5.27 11.93
CA MET A 175 -9.05 -4.17 10.98
C MET A 175 -10.33 -3.90 10.19
N VAL A 176 -10.89 -2.70 10.35
CA VAL A 176 -12.14 -2.32 9.68
C VAL A 176 -11.93 -1.05 8.86
N ARG A 177 -12.48 -1.01 7.66
CA ARG A 177 -12.37 0.16 6.79
C ARG A 177 -13.73 0.68 6.37
N PHE A 178 -13.92 2.00 6.48
CA PHE A 178 -15.10 2.67 5.97
C PHE A 178 -14.75 3.39 4.67
N MET A 179 -15.46 3.03 3.60
CA MET A 179 -15.26 3.64 2.29
C MET A 179 -16.64 4.03 1.78
N PRO A 180 -16.69 4.86 0.73
CA PRO A 180 -17.99 5.21 0.19
C PRO A 180 -18.79 3.97 -0.22
N GLY A 181 -19.95 3.79 0.42
CA GLY A 181 -20.86 2.69 0.12
C GLY A 181 -20.38 1.28 0.44
N ASP A 182 -19.34 1.15 1.27
CA ASP A 182 -18.71 -0.15 1.49
C ASP A 182 -17.94 -0.13 2.81
N VAL A 183 -18.47 -0.82 3.82
CA VAL A 183 -17.70 -1.13 5.02
C VAL A 183 -17.01 -2.48 4.78
N ARG A 184 -15.70 -2.52 5.04
CA ARG A 184 -14.91 -3.72 4.85
C ARG A 184 -14.25 -4.15 6.14
N ILE A 185 -14.06 -5.47 6.28
CA ILE A 185 -13.19 -6.02 7.31
C ILE A 185 -12.01 -6.64 6.58
N TYR A 186 -10.81 -6.14 6.86
CA TYR A 186 -9.63 -6.54 6.12
C TYR A 186 -9.06 -7.85 6.65
N HIS A 187 -8.62 -8.72 5.73
CA HIS A 187 -8.11 -10.05 6.05
C HIS A 187 -6.60 -10.12 5.76
N GLY A 188 -6.05 -11.33 5.61
CA GLY A 188 -4.60 -11.52 5.56
C GLY A 188 -3.84 -11.05 4.33
N ASP A 189 -4.46 -11.13 3.15
CA ASP A 189 -3.77 -10.76 1.90
C ASP A 189 -3.94 -9.26 1.63
N THR A 190 -3.40 -8.48 2.56
CA THR A 190 -3.54 -7.02 2.58
C THR A 190 -2.27 -6.43 3.18
N PHE A 191 -2.11 -5.13 3.05
CA PHE A 191 -0.94 -4.43 3.55
C PHE A 191 -0.85 -4.57 5.07
N SER A 192 -1.92 -4.19 5.77
CA SER A 192 -1.97 -4.35 7.23
C SER A 192 -1.90 -5.83 7.61
N GLY A 193 -2.54 -6.69 6.83
CA GLY A 193 -2.58 -8.12 7.11
C GLY A 193 -1.21 -8.76 7.18
N VAL A 194 -0.39 -8.51 6.16
CA VAL A 194 0.92 -9.15 6.10
C VAL A 194 1.92 -8.56 7.10
N ILE A 195 1.78 -7.29 7.43
CA ILE A 195 2.67 -6.65 8.40
C ILE A 195 2.30 -7.08 9.83
N LEU A 196 1.01 -7.12 10.13
CA LEU A 196 0.55 -7.64 11.42
C LEU A 196 0.99 -9.10 11.60
N LYS A 197 0.88 -9.90 10.54
CA LYS A 197 1.31 -11.30 10.58
C LYS A 197 2.82 -11.42 10.82
N GLU A 198 3.61 -10.60 10.14
CA GLU A 198 5.07 -10.64 10.27
C GLU A 198 5.50 -10.30 11.70
N LEU A 199 4.81 -9.34 12.31
CA LEU A 199 5.05 -8.96 13.71
C LEU A 199 4.60 -10.02 14.70
N GLY A 200 3.71 -10.91 14.27
CA GLY A 200 3.23 -12.02 15.11
C GLY A 200 1.90 -11.77 15.79
N PHE A 201 1.20 -10.70 15.41
CA PHE A 201 -0.14 -10.44 15.98
C PHE A 201 -1.13 -11.51 15.56
N LYS A 202 -2.08 -11.78 16.43
CA LYS A 202 -3.21 -12.64 16.12
C LYS A 202 -4.33 -11.82 15.49
N ARG A 203 -5.29 -12.52 14.88
CA ARG A 203 -6.48 -11.91 14.29
C ARG A 203 -7.68 -12.75 14.70
N PRO A 204 -8.86 -12.12 14.78
CA PRO A 204 -10.07 -12.88 15.12
C PRO A 204 -10.71 -13.55 13.89
N GLY A 205 -11.06 -14.83 14.04
CA GLY A 205 -11.91 -15.54 13.07
C GLY A 205 -11.49 -15.40 11.61
N ASP A 206 -12.40 -14.87 10.79
CA ASP A 206 -12.18 -14.82 9.34
C ASP A 206 -11.07 -13.86 8.94
N GLN A 207 -10.62 -13.01 9.85
CA GLN A 207 -9.50 -12.12 9.55
C GLN A 207 -8.16 -12.86 9.44
N ASN A 208 -8.15 -14.13 9.81
CA ASN A 208 -7.00 -15.02 9.60
C ASN A 208 -6.91 -15.58 8.18
N LYS A 209 -7.98 -15.44 7.40
CA LYS A 209 -8.01 -15.98 6.03
C LYS A 209 -7.02 -15.26 5.13
N ASP A 210 -6.52 -15.99 4.13
CA ASP A 210 -5.54 -15.48 3.18
C ASP A 210 -6.19 -14.80 1.97
N ASP A 211 -7.40 -14.28 2.14
CA ASP A 211 -8.05 -13.48 1.10
C ASP A 211 -7.95 -11.99 1.46
N PHE A 212 -8.62 -11.15 0.69
CA PHE A 212 -8.44 -9.70 0.82
C PHE A 212 -9.30 -9.10 1.94
N ALA A 213 -10.61 -9.21 1.82
CA ALA A 213 -11.52 -8.58 2.79
C ALA A 213 -12.93 -9.11 2.70
N GLU A 214 -13.66 -9.02 3.81
CA GLU A 214 -15.10 -9.15 3.79
C GLU A 214 -15.67 -7.81 3.35
N ARG A 215 -16.52 -7.82 2.35
CA ARG A 215 -17.00 -6.60 1.71
C ARG A 215 -18.46 -6.34 2.03
N ASN A 216 -18.84 -5.07 1.95
CA ASN A 216 -20.23 -4.65 2.19
C ASN A 216 -20.80 -5.19 3.49
N VAL A 217 -20.05 -4.96 4.57
CA VAL A 217 -20.44 -5.41 5.89
C VAL A 217 -21.64 -4.61 6.36
N SER A 218 -22.73 -5.30 6.68
CA SER A 218 -23.96 -4.67 7.13
C SER A 218 -23.87 -4.30 8.60
N LYS A 219 -24.82 -3.51 9.06
CA LYS A 219 -24.94 -3.20 10.49
C LYS A 219 -25.16 -4.48 11.31
N GLU A 220 -25.84 -5.46 10.72
CA GLU A 220 -26.06 -6.76 11.35
C GLU A 220 -24.77 -7.56 11.54
N ARG A 221 -23.78 -7.34 10.67
CA ARG A 221 -22.48 -8.03 10.76
C ARG A 221 -21.45 -7.28 11.60
N ILE A 222 -21.86 -6.22 12.30
CA ILE A 222 -20.95 -5.44 13.14
C ILE A 222 -20.25 -6.32 14.19
N SER A 223 -20.93 -7.35 14.68
CA SER A 223 -20.30 -8.29 15.61
C SER A 223 -19.02 -8.94 15.06
N ALA A 224 -18.94 -9.10 13.74
CA ALA A 224 -17.74 -9.62 13.08
C ALA A 224 -16.52 -8.69 13.17
N MET A 225 -16.74 -7.45 13.60
CA MET A 225 -15.67 -6.49 13.79
C MET A 225 -14.93 -6.62 15.12
N ASP A 226 -15.42 -7.45 16.03
CA ASP A 226 -14.84 -7.46 17.37
C ASP A 226 -13.43 -8.06 17.38
N GLY A 227 -12.68 -7.71 18.41
CA GLY A 227 -11.37 -8.27 18.65
C GLY A 227 -10.91 -7.78 19.99
N ASP A 228 -9.66 -8.04 20.33
CA ASP A 228 -9.06 -7.49 21.55
C ASP A 228 -8.77 -6.01 21.34
N VAL A 229 -8.33 -5.67 20.13
CA VAL A 229 -8.12 -4.29 19.70
C VAL A 229 -8.76 -4.15 18.33
N LEU A 230 -9.46 -3.03 18.13
CA LEU A 230 -10.12 -2.73 16.86
CA LEU A 230 -10.12 -2.73 16.86
C LEU A 230 -9.53 -1.45 16.29
N PHE A 231 -8.91 -1.55 15.12
CA PHE A 231 -8.38 -0.39 14.41
C PHE A 231 -9.28 -0.17 13.20
N TYR A 232 -9.88 1.00 13.10
CA TYR A 232 -10.67 1.34 11.93
C TYR A 232 -10.07 2.53 11.20
N PHE A 233 -10.24 2.55 9.89
CA PHE A 233 -9.71 3.63 9.06
C PHE A 233 -10.71 3.95 7.97
N THR A 234 -10.59 5.14 7.42
CA THR A 234 -11.64 5.68 6.56
C THR A 234 -11.04 6.31 5.33
N PHE A 235 -11.65 5.98 4.19
CA PHE A 235 -11.25 6.53 2.91
C PHE A 235 -12.37 7.39 2.38
N ASP A 236 -12.04 8.64 2.03
CA ASP A 236 -12.97 9.55 1.39
C ASP A 236 -12.45 9.87 0.00
N LYS A 237 -13.31 9.68 -1.01
CA LYS A 237 -12.98 9.96 -2.40
C LYS A 237 -12.80 11.46 -2.61
N GLY A 238 -13.77 12.25 -2.18
CA GLY A 238 -13.69 13.71 -2.31
C GLY A 238 -14.42 14.47 -1.21
N ASN A 239 -14.79 15.71 -1.54
CA ASN A 239 -15.45 16.62 -0.58
C ASN A 239 -16.81 16.11 -0.07
N GLU A 240 -17.38 15.08 -0.71
CA GLU A 240 -18.61 14.46 -0.24
C GLU A 240 -18.43 13.73 1.10
N LYS A 241 -17.20 13.25 1.36
CA LYS A 241 -16.86 12.55 2.60
C LYS A 241 -17.82 11.40 2.91
N LYS A 242 -18.07 10.58 1.90
CA LYS A 242 -19.03 9.48 2.03
C LYS A 242 -18.49 8.34 2.91
N GLY A 243 -17.17 8.17 2.93
CA GLY A 243 -16.54 7.21 3.86
C GLY A 243 -16.75 7.62 5.31
N SER A 244 -16.52 8.90 5.60
CA SER A 244 -16.68 9.44 6.95
C SER A 244 -18.14 9.39 7.39
N GLU A 245 -19.06 9.57 6.44
CA GLU A 245 -20.49 9.47 6.71
C GLU A 245 -20.85 8.06 7.20
N LEU A 246 -20.27 7.06 6.54
CA LEU A 246 -20.53 5.66 6.88
C LEU A 246 -19.90 5.30 8.23
N GLU A 247 -18.67 5.77 8.46
CA GLU A 247 -18.02 5.62 9.76
C GLU A 247 -18.90 6.15 10.90
N LYS A 248 -19.42 7.35 10.73
CA LYS A 248 -20.26 7.98 11.75
C LYS A 248 -21.50 7.13 12.04
N GLU A 249 -22.12 6.62 10.98
CA GLU A 249 -23.31 5.79 11.12
C GLU A 249 -23.00 4.52 11.91
N TYR A 250 -21.90 3.87 11.57
CA TYR A 250 -21.55 2.59 12.19
C TYR A 250 -21.03 2.72 13.61
N ILE A 251 -20.12 3.64 13.86
CA ILE A 251 -19.48 3.70 15.19
C ILE A 251 -20.42 4.24 16.27
N ASN A 252 -21.50 4.89 15.87
CA ASN A 252 -22.53 5.35 16.79
C ASN A 252 -23.73 4.40 16.89
N ASP A 253 -23.67 3.28 16.17
CA ASP A 253 -24.71 2.25 16.25
C ASP A 253 -24.56 1.50 17.57
N PRO A 254 -25.68 1.17 18.24
CA PRO A 254 -25.58 0.43 19.50
C PRO A 254 -24.81 -0.89 19.41
N LEU A 255 -24.87 -1.56 18.26
CA LEU A 255 -24.14 -2.81 18.06
C LEU A 255 -22.62 -2.60 18.12
N PHE A 256 -22.17 -1.47 17.60
CA PHE A 256 -20.75 -1.13 17.63
C PHE A 256 -20.34 -0.73 19.05
N LYS A 257 -21.18 0.07 19.70
CA LYS A 257 -20.91 0.48 21.07
C LYS A 257 -20.89 -0.69 22.04
N ASN A 258 -21.54 -1.80 21.71
CA ASN A 258 -21.54 -3.00 22.55
C ASN A 258 -20.45 -4.03 22.21
N LEU A 259 -19.56 -3.70 21.26
CA LEU A 259 -18.42 -4.55 20.97
C LEU A 259 -17.48 -4.58 22.19
N ASN A 260 -16.91 -5.75 22.48
CA ASN A 260 -15.95 -5.87 23.57
C ASN A 260 -14.76 -4.92 23.41
N ALA A 261 -14.23 -4.80 22.20
CA ALA A 261 -13.11 -3.90 21.97
C ALA A 261 -13.48 -2.46 22.34
N VAL A 262 -14.70 -2.05 21.99
CA VAL A 262 -15.16 -0.69 22.25
C VAL A 262 -15.40 -0.44 23.75
N LYS A 263 -16.07 -1.39 24.41
CA LYS A 263 -16.29 -1.28 25.86
C LYS A 263 -14.98 -1.29 26.66
N ASN A 264 -13.96 -1.93 26.12
CA ASN A 264 -12.62 -1.93 26.73
C ASN A 264 -11.81 -0.67 26.42
N GLY A 265 -12.35 0.22 25.60
CA GLY A 265 -11.63 1.43 25.22
C GLY A 265 -10.49 1.16 24.27
N LYS A 266 -10.58 0.07 23.52
CA LYS A 266 -9.50 -0.37 22.64
C LYS A 266 -9.95 -0.40 21.17
N ALA A 267 -10.84 0.53 20.82
CA ALA A 267 -11.20 0.80 19.45
C ALA A 267 -10.64 2.17 19.08
N TYR A 268 -9.85 2.22 18.02
CA TYR A 268 -9.13 3.44 17.66
C TYR A 268 -9.21 3.71 16.17
N LYS A 269 -9.37 4.98 15.80
CA LYS A 269 -9.24 5.35 14.41
C LYS A 269 -7.76 5.49 14.06
N VAL A 270 -7.35 4.83 12.98
CA VAL A 270 -5.96 4.91 12.50
C VAL A 270 -5.91 5.54 11.11
N ASP A 271 -4.72 5.94 10.68
CA ASP A 271 -4.54 6.66 9.43
C ASP A 271 -4.60 5.70 8.23
N ASP A 272 -5.62 5.89 7.40
CA ASP A 272 -5.80 5.14 6.15
C ASP A 272 -4.54 5.11 5.29
N VAL A 273 -3.82 6.21 5.22
CA VAL A 273 -2.66 6.32 4.33
C VAL A 273 -1.57 5.33 4.72
N ILE A 274 -1.15 5.34 5.99
CA ILE A 274 -0.04 4.48 6.38
C ILE A 274 -0.48 3.05 6.71
N TRP A 275 -1.75 2.86 7.08
CA TRP A 275 -2.23 1.50 7.39
C TRP A 275 -2.68 0.70 6.18
N ASN A 276 -2.80 1.35 5.02
CA ASN A 276 -3.30 0.67 3.83
C ASN A 276 -2.94 1.25 2.47
N THR A 277 -3.22 2.52 2.29
CA THR A 277 -3.40 3.08 0.95
C THR A 277 -2.12 3.45 0.21
N ALA A 278 -1.13 3.97 0.94
CA ALA A 278 0.17 4.27 0.33
C ALA A 278 0.83 2.98 -0.14
N GLY A 279 0.90 2.00 0.76
CA GLY A 279 1.18 0.61 0.42
C GLY A 279 2.60 0.19 0.12
N GLY A 280 3.55 1.11 0.28
CA GLY A 280 4.94 0.84 -0.06
C GLY A 280 5.86 0.72 1.15
N VAL A 281 7.14 0.60 0.86
CA VAL A 281 8.15 0.35 1.88
C VAL A 281 8.29 1.50 2.88
N ILE A 282 8.09 2.74 2.42
CA ILE A 282 8.17 3.89 3.33
C ILE A 282 6.99 3.84 4.31
N ALA A 283 5.79 3.59 3.78
CA ALA A 283 4.60 3.42 4.60
C ALA A 283 4.75 2.23 5.56
N ALA A 284 5.37 1.15 5.10
CA ALA A 284 5.56 -0.03 5.96
C ALA A 284 6.38 0.33 7.20
N ASN A 285 7.43 1.12 7.00
CA ASN A 285 8.23 1.61 8.11
C ASN A 285 7.44 2.55 9.02
N LEU A 286 6.60 3.40 8.44
CA LEU A 286 5.76 4.30 9.23
C LEU A 286 4.69 3.53 10.00
N LEU A 287 4.21 2.43 9.43
CA LEU A 287 3.26 1.58 10.14
C LEU A 287 3.92 0.91 11.35
N LEU A 288 5.15 0.42 11.21
CA LEU A 288 5.89 -0.11 12.36
C LEU A 288 5.95 0.95 13.45
N ASP A 289 6.31 2.18 13.07
CA ASP A 289 6.40 3.29 14.01
C ASP A 289 5.06 3.58 14.71
N ASP A 290 3.96 3.47 13.96
CA ASP A 290 2.65 3.77 14.53
C ASP A 290 2.24 2.67 15.50
N ILE A 291 2.53 1.43 15.16
CA ILE A 291 2.26 0.31 16.06
C ILE A 291 3.07 0.45 17.35
N GLU A 292 4.34 0.84 17.22
CA GLU A 292 5.17 1.08 18.39
C GLU A 292 4.57 2.19 19.26
N LYS A 293 4.14 3.27 18.63
CA LYS A 293 3.52 4.38 19.34
C LYS A 293 2.26 3.96 20.11
N ARG A 294 1.46 3.11 19.49
CA ARG A 294 0.17 2.73 20.05
C ARG A 294 0.25 1.64 21.11
N PHE A 295 1.26 0.78 21.03
CA PHE A 295 1.37 -0.37 21.94
C PHE A 295 2.46 -0.26 23.00
N VAL A 296 3.57 0.41 22.67
CA VAL A 296 4.74 0.44 23.57
C VAL A 296 4.73 1.72 24.39
FE SKZ B . -9.14 -1.05 -3.88
C1 SKZ B . -6.51 -0.89 -2.39
O2 SKZ B . -7.12 -0.81 -3.69
C3 SKZ B . -7.57 -1.30 -1.40
O4 SKZ B . -7.26 -1.46 -0.20
O5 SKZ B . -8.75 -1.45 -1.82
C6 SKZ B . -5.89 0.45 -2.00
C7 SKZ B . -5.35 -1.89 -2.40
C8 SKZ B . -5.58 -3.30 -2.92
O9 SKZ B . -4.77 -4.16 -2.59
C11 SKZ B . -8.18 -5.47 -4.05
C12 SKZ B . -9.18 -5.03 -5.11
N13 SKZ B . -9.61 -3.69 -4.71
O14 SKZ B . -8.82 -2.63 -5.15
C15 SKZ B . -10.67 -3.40 -3.96
O16 SKZ B . -10.93 -2.23 -3.67
C17 SKZ B . -11.54 -4.52 -3.47
C18 SKZ B . -6.87 1.60 -1.94
O19 SKZ B . -7.52 1.76 -0.92
C21 SKZ B . -9.30 3.31 -2.78
C22 SKZ B . -10.09 2.98 -4.05
N23 SKZ B . -9.83 1.59 -4.40
O24 SKZ B . -10.00 0.63 -3.40
C25 SKZ B . -9.46 1.13 -5.59
C26 SKZ B . -9.27 2.10 -6.72
N26 SKZ B . -6.96 2.41 -3.00
C27 SKZ B . -7.82 3.59 -3.02
O27 SKZ B . -9.28 -0.08 -5.77
N28 SKZ B . -6.59 -3.58 -3.74
C29 SKZ B . -6.78 -4.91 -4.31
#